data_7WLC
#
_entry.id   7WLC
#
_cell.length_a   1.00
_cell.length_b   1.00
_cell.length_c   1.00
_cell.angle_alpha   90.00
_cell.angle_beta   90.00
_cell.angle_gamma   90.00
#
_symmetry.space_group_name_H-M   'P 1'
#
loop_
_entity.id
_entity.type
_entity.pdbx_description
1 polymer 'Spike protein S1'
2 polymer 'Heavy chain of XGv282'
3 polymer 'Light chain of XGv282'
#
loop_
_entity_poly.entity_id
_entity_poly.type
_entity_poly.pdbx_seq_one_letter_code
_entity_poly.pdbx_strand_id
1 'polypeptide(L)'
;PNITNLCPFDEVFNATRFASVYAWNRKRISNCVADYSVLYNLAPFFTFKCYGVSPTKLNDLCFTNVYADSFVIRGDEVRQ
IAPGQTGNIADYNYKLPDDFTGCVIAWNSNKLDSKVSGNYNYLYRLFRKSNLKPFERDISTEIYQAGNKPCNGVAGFNCY
FPLRSYSFRPTYGVGHQPYRVVVLSFELLHAPATVCGPKKS
;
E
2 'polypeptide(L)'
;VQLVQSGAEVKKPGSSVKVSCKASGDTFSSYTFSWVRQAPGQGLEWMGRSIPIVGKAIYAQEFQGRVTISADRSTTTVYM
ELSSLRSDDTAVYYCARDQSGFDFFYYDHWGQGTLVAV
;
H
3 'polypeptide(L)'
;QSVLTQPPSASGTPGQRVTISCSGSGSNIGSNTINWYQQLPGTAPKVLIYRNNERPSGVPDRFSGSKSGTSASLTISGLQ
SEDEAYYHCAAWDDSLNGPVFGGGTKLTVLG
;
L
#
# COMPACT_ATOMS: atom_id res chain seq x y z
N PRO A 1 -16.17 -42.40 9.30
CA PRO A 1 -15.24 -41.98 8.24
C PRO A 1 -15.90 -41.97 6.87
N ASN A 2 -16.61 -40.89 6.53
CA ASN A 2 -17.35 -40.88 5.27
C ASN A 2 -16.54 -40.23 4.12
N ILE A 3 -16.09 -38.97 4.25
CA ILE A 3 -16.33 -38.01 5.34
C ILE A 3 -17.43 -37.05 4.90
N THR A 4 -17.99 -36.28 5.83
CA THR A 4 -19.18 -35.48 5.57
C THR A 4 -18.92 -33.98 5.55
N ASN A 5 -18.38 -33.42 6.63
CA ASN A 5 -18.33 -31.98 6.78
C ASN A 5 -17.03 -31.41 6.21
N LEU A 6 -16.92 -30.09 6.25
CA LEU A 6 -15.75 -29.37 5.76
C LEU A 6 -15.57 -28.09 6.57
N CYS A 7 -14.37 -27.52 6.49
CA CYS A 7 -14.10 -26.27 7.18
C CYS A 7 -13.34 -25.33 6.25
N PRO A 8 -13.66 -24.04 6.27
CA PRO A 8 -13.04 -23.09 5.31
C PRO A 8 -11.63 -22.64 5.67
N PHE A 9 -10.66 -23.52 5.43
CA PHE A 9 -9.27 -23.08 5.48
C PHE A 9 -8.89 -22.24 4.27
N ASP A 10 -9.62 -22.36 3.17
CA ASP A 10 -9.43 -21.46 2.04
C ASP A 10 -9.99 -20.06 2.33
N GLU A 11 -10.76 -19.91 3.41
CA GLU A 11 -11.17 -18.58 3.84
C GLU A 11 -10.01 -17.85 4.51
N VAL A 12 -9.21 -18.55 5.30
CA VAL A 12 -8.12 -17.94 6.04
C VAL A 12 -6.86 -17.88 5.18
N PHE A 13 -6.39 -19.04 4.73
CA PHE A 13 -5.11 -19.11 4.03
C PHE A 13 -5.16 -18.47 2.65
N ASN A 14 -6.35 -18.25 2.09
CA ASN A 14 -6.50 -17.58 0.81
C ASN A 14 -7.19 -16.22 0.96
N ALA A 15 -7.26 -15.69 2.17
CA ALA A 15 -7.86 -14.38 2.39
C ALA A 15 -7.03 -13.30 1.70
N THR A 16 -7.72 -12.41 0.99
CA THR A 16 -7.02 -11.37 0.24
C THR A 16 -6.40 -10.31 1.14
N ARG A 17 -6.91 -10.13 2.36
CA ARG A 17 -6.44 -9.10 3.27
C ARG A 17 -6.23 -9.69 4.65
N PHE A 18 -5.09 -9.37 5.27
CA PHE A 18 -4.79 -9.75 6.64
C PHE A 18 -4.62 -8.50 7.50
N ALA A 19 -5.02 -8.62 8.76
CA ALA A 19 -4.79 -7.57 9.73
C ALA A 19 -3.33 -7.58 10.16
N SER A 20 -2.86 -6.43 10.63
CA SER A 20 -1.49 -6.30 11.08
C SER A 20 -1.33 -6.98 12.44
N VAL A 21 -0.13 -6.87 13.02
CA VAL A 21 0.16 -7.57 14.27
C VAL A 21 -0.45 -6.92 15.50
N TYR A 22 -0.92 -5.67 15.39
CA TYR A 22 -1.46 -5.01 16.56
C TYR A 22 -2.89 -5.42 16.86
N ALA A 23 -3.65 -5.80 15.83
CA ALA A 23 -5.06 -6.17 15.97
C ALA A 23 -5.34 -7.42 15.15
N TRP A 24 -4.50 -8.45 15.32
CA TRP A 24 -4.64 -9.68 14.58
C TRP A 24 -6.04 -10.27 14.76
N ASN A 25 -6.68 -10.59 13.65
CA ASN A 25 -8.08 -11.01 13.63
C ASN A 25 -8.18 -12.52 13.88
N ARG A 26 -8.15 -12.90 15.15
CA ARG A 26 -8.29 -14.30 15.51
C ARG A 26 -9.68 -14.80 15.12
N LYS A 27 -9.73 -15.98 14.51
CA LYS A 27 -10.99 -16.61 14.13
C LYS A 27 -11.07 -17.99 14.77
N ARG A 28 -12.14 -18.24 15.50
CA ARG A 28 -12.37 -19.53 16.15
C ARG A 28 -13.26 -20.39 15.26
N ILE A 29 -12.85 -21.62 15.02
CA ILE A 29 -13.58 -22.54 14.15
C ILE A 29 -14.03 -23.74 14.96
N SER A 30 -15.28 -24.14 14.76
CA SER A 30 -15.85 -25.29 15.44
C SER A 30 -16.80 -25.99 14.48
N ASN A 31 -17.05 -27.28 14.75
CA ASN A 31 -17.84 -28.14 13.88
C ASN A 31 -17.28 -28.11 12.46
N CYS A 32 -16.06 -28.62 12.32
CA CYS A 32 -15.36 -28.66 11.04
C CYS A 32 -14.81 -30.06 10.80
N VAL A 33 -14.50 -30.32 9.53
CA VAL A 33 -13.69 -31.47 9.12
C VAL A 33 -12.66 -30.94 8.13
N ALA A 34 -11.43 -30.73 8.61
CA ALA A 34 -10.41 -30.03 7.85
C ALA A 34 -9.36 -31.02 7.35
N ASP A 35 -8.98 -30.89 6.09
CA ASP A 35 -7.94 -31.71 5.48
C ASP A 35 -6.70 -30.85 5.27
N TYR A 36 -5.57 -31.30 5.81
CA TYR A 36 -4.31 -30.59 5.68
C TYR A 36 -3.52 -31.00 4.45
N SER A 37 -4.00 -31.99 3.70
CA SER A 37 -3.31 -32.40 2.47
C SER A 37 -3.33 -31.29 1.43
N VAL A 38 -4.47 -30.60 1.28
CA VAL A 38 -4.51 -29.45 0.39
C VAL A 38 -3.58 -28.35 0.89
N LEU A 39 -3.34 -28.31 2.20
CA LEU A 39 -2.42 -27.33 2.77
C LEU A 39 -0.97 -27.73 2.53
N TYR A 40 -0.58 -28.90 3.06
CA TYR A 40 0.83 -29.29 3.01
C TYR A 40 1.33 -29.48 1.59
N ASN A 41 0.51 -30.04 0.70
CA ASN A 41 0.94 -30.28 -0.67
C ASN A 41 1.21 -29.00 -1.45
N LEU A 42 0.78 -27.84 -0.93
CA LEU A 42 1.08 -26.57 -1.59
C LEU A 42 2.59 -26.35 -1.65
N ALA A 43 3.05 -25.74 -2.74
CA ALA A 43 4.48 -25.71 -3.02
C ALA A 43 5.24 -24.69 -2.18
N PRO A 44 4.88 -23.39 -2.15
CA PRO A 44 5.84 -22.38 -1.68
C PRO A 44 5.95 -22.23 -0.18
N PHE A 45 5.49 -23.21 0.59
CA PHE A 45 5.68 -23.17 2.04
C PHE A 45 7.16 -23.38 2.36
N PHE A 46 7.87 -22.30 2.67
CA PHE A 46 9.29 -22.37 2.99
C PHE A 46 9.54 -22.49 4.50
N THR A 47 8.49 -22.60 5.31
CA THR A 47 8.66 -22.76 6.75
C THR A 47 7.40 -23.41 7.30
N PHE A 48 7.50 -24.66 7.74
CA PHE A 48 6.38 -25.40 8.31
C PHE A 48 6.92 -26.21 9.48
N LYS A 49 6.87 -25.64 10.68
CA LYS A 49 7.27 -26.32 11.89
C LYS A 49 6.07 -26.45 12.81
N CYS A 50 6.05 -27.52 13.61
CA CYS A 50 5.00 -27.70 14.60
C CYS A 50 5.60 -28.24 15.89
N TYR A 51 4.98 -27.88 17.02
CA TYR A 51 5.55 -28.12 18.34
C TYR A 51 4.81 -29.19 19.12
N GLY A 52 3.50 -29.01 19.33
CA GLY A 52 2.77 -29.92 20.19
C GLY A 52 2.68 -31.32 19.65
N VAL A 53 2.40 -31.46 18.35
CA VAL A 53 2.27 -32.75 17.71
C VAL A 53 3.05 -32.73 16.40
N SER A 54 3.45 -33.92 15.97
CA SER A 54 4.23 -34.05 14.74
C SER A 54 3.38 -33.66 13.53
N PRO A 55 3.98 -33.01 12.53
CA PRO A 55 3.23 -32.62 11.34
C PRO A 55 2.80 -33.78 10.46
N THR A 56 3.12 -35.03 10.83
CA THR A 56 2.76 -36.18 10.02
C THR A 56 1.45 -36.82 10.45
N LYS A 57 1.22 -36.96 11.75
CA LYS A 57 0.02 -37.60 12.28
C LYS A 57 -1.08 -36.61 12.64
N LEU A 58 -1.14 -35.47 11.95
CA LEU A 58 -2.21 -34.50 12.19
C LEU A 58 -3.58 -35.03 11.79
N ASN A 59 -3.65 -35.76 10.68
CA ASN A 59 -4.92 -36.18 10.10
C ASN A 59 -5.69 -37.18 10.95
N ASP A 60 -5.06 -37.76 11.98
CA ASP A 60 -5.69 -38.76 12.82
C ASP A 60 -5.84 -38.26 14.25
N LEU A 61 -6.25 -37.01 14.40
CA LEU A 61 -6.42 -36.39 15.70
C LEU A 61 -7.75 -35.68 15.78
N CYS A 62 -8.21 -35.43 17.01
CA CYS A 62 -9.41 -34.67 17.28
C CYS A 62 -9.07 -33.47 18.13
N PHE A 63 -9.69 -32.33 17.85
CA PHE A 63 -9.37 -31.08 18.49
C PHE A 63 -10.59 -30.56 19.25
N THR A 64 -10.38 -30.14 20.49
CA THR A 64 -11.48 -29.61 21.29
C THR A 64 -11.99 -28.30 20.71
N ASN A 65 -11.08 -27.38 20.38
CA ASN A 65 -11.45 -26.09 19.82
C ASN A 65 -10.20 -25.48 19.20
N VAL A 66 -10.36 -24.87 18.03
CA VAL A 66 -9.23 -24.36 17.25
C VAL A 66 -9.42 -22.87 17.03
N TYR A 67 -8.38 -22.11 17.34
CA TYR A 67 -8.29 -20.69 16.98
C TYR A 67 -7.20 -20.54 15.93
N ALA A 68 -7.57 -20.03 14.76
CA ALA A 68 -6.62 -19.70 13.70
C ALA A 68 -6.46 -18.18 13.68
N ASP A 69 -5.23 -17.72 13.91
CA ASP A 69 -4.93 -16.29 13.90
C ASP A 69 -3.89 -16.02 12.83
N SER A 70 -4.19 -15.06 11.95
CA SER A 70 -3.34 -14.79 10.80
C SER A 70 -2.93 -13.33 10.78
N PHE A 71 -1.71 -13.08 10.30
CA PHE A 71 -1.23 -11.71 10.11
C PHE A 71 -0.03 -11.77 9.16
N VAL A 72 0.66 -10.64 9.01
CA VAL A 72 1.85 -10.55 8.19
C VAL A 72 2.99 -10.05 9.06
N ILE A 73 4.22 -10.37 8.65
CA ILE A 73 5.40 -10.00 9.42
C ILE A 73 6.57 -9.86 8.47
N ARG A 74 7.69 -9.35 8.99
CA ARG A 74 8.94 -9.40 8.25
C ARG A 74 9.64 -10.73 8.49
N GLY A 75 10.38 -11.18 7.48
CA GLY A 75 11.01 -12.49 7.57
C GLY A 75 12.00 -12.60 8.72
N ASP A 76 12.71 -11.51 9.02
CA ASP A 76 13.76 -11.56 10.03
C ASP A 76 13.23 -12.02 11.38
N GLU A 77 12.00 -11.67 11.73
CA GLU A 77 11.42 -12.04 13.01
C GLU A 77 10.51 -13.27 12.93
N VAL A 78 10.52 -13.98 11.80
CA VAL A 78 9.70 -15.18 11.69
C VAL A 78 10.10 -16.21 12.74
N ARG A 79 11.40 -16.33 13.00
CA ARG A 79 11.88 -17.24 14.03
C ARG A 79 11.46 -16.81 15.44
N GLN A 80 10.99 -15.59 15.61
CA GLN A 80 10.62 -15.10 16.94
C GLN A 80 9.26 -15.58 17.39
N ILE A 81 8.42 -16.09 16.49
CA ILE A 81 7.09 -16.58 16.87
C ILE A 81 7.17 -17.86 17.71
N ALA A 82 8.35 -18.45 17.85
CA ALA A 82 8.50 -19.66 18.63
C ALA A 82 8.12 -19.41 20.09
N PRO A 83 7.58 -20.42 20.77
CA PRO A 83 7.19 -20.23 22.18
C PRO A 83 8.40 -19.88 23.04
N GLY A 84 8.17 -18.99 24.01
CA GLY A 84 9.21 -18.55 24.91
C GLY A 84 10.22 -17.60 24.32
N GLN A 85 10.30 -17.49 22.99
CA GLN A 85 11.24 -16.60 22.36
C GLN A 85 10.88 -15.14 22.65
N THR A 86 11.90 -14.31 22.84
CA THR A 86 11.74 -12.89 23.10
C THR A 86 12.26 -12.08 21.92
N GLY A 87 12.26 -10.76 22.09
CA GLY A 87 12.70 -9.87 21.03
C GLY A 87 11.84 -8.63 20.95
N ASN A 88 11.28 -8.37 19.77
CA ASN A 88 10.41 -7.22 19.58
C ASN A 88 8.97 -7.62 19.25
N ILE A 89 8.75 -8.37 18.17
CA ILE A 89 7.39 -8.76 17.82
C ILE A 89 6.83 -9.76 18.82
N ALA A 90 7.67 -10.65 19.34
CA ALA A 90 7.25 -11.66 20.30
C ALA A 90 7.23 -11.12 21.73
N ASP A 91 7.26 -9.79 21.90
CA ASP A 91 7.25 -9.20 23.22
C ASP A 91 6.25 -8.06 23.36
N TYR A 92 5.94 -7.32 22.29
CA TYR A 92 5.09 -6.14 22.41
C TYR A 92 3.81 -6.21 21.60
N ASN A 93 3.67 -7.16 20.68
CA ASN A 93 2.48 -7.25 19.84
C ASN A 93 1.71 -8.54 20.03
N TYR A 94 2.39 -9.68 19.97
CA TYR A 94 1.71 -10.98 20.02
C TYR A 94 2.74 -12.05 20.36
N LYS A 95 2.57 -12.73 21.49
CA LYS A 95 3.52 -13.72 21.95
C LYS A 95 2.79 -14.99 22.35
N LEU A 96 3.51 -16.11 22.27
CA LEU A 96 2.99 -17.44 22.54
C LEU A 96 3.46 -17.95 23.89
N PRO A 97 2.60 -18.60 24.66
CA PRO A 97 3.00 -19.14 25.96
C PRO A 97 3.88 -20.38 25.80
N ASP A 98 4.53 -20.75 26.90
CA ASP A 98 5.39 -21.93 26.89
C ASP A 98 4.59 -23.21 26.72
N ASP A 99 3.38 -23.26 27.25
CA ASP A 99 2.52 -24.43 27.16
C ASP A 99 1.78 -24.52 25.82
N PHE A 100 2.26 -23.81 24.81
CA PHE A 100 1.61 -23.81 23.50
C PHE A 100 1.59 -25.21 22.91
N THR A 101 0.47 -25.56 22.28
CA THR A 101 0.24 -26.90 21.78
C THR A 101 -0.07 -26.96 20.29
N GLY A 102 -0.63 -25.89 19.71
CA GLY A 102 -0.85 -25.82 18.27
C GLY A 102 0.46 -25.70 17.52
N CYS A 103 0.39 -25.10 16.34
CA CYS A 103 1.61 -24.88 15.58
C CYS A 103 1.40 -23.80 14.53
N VAL A 104 2.50 -23.36 13.94
CA VAL A 104 2.53 -22.17 13.10
C VAL A 104 2.84 -22.56 11.66
N ILE A 105 2.53 -21.64 10.75
CA ILE A 105 2.82 -21.79 9.33
C ILE A 105 3.21 -20.42 8.79
N ALA A 106 4.41 -20.31 8.23
CA ALA A 106 4.89 -19.06 7.67
C ALA A 106 5.50 -19.31 6.30
N TRP A 107 5.23 -18.39 5.36
CA TRP A 107 5.77 -18.52 4.02
C TRP A 107 5.91 -17.13 3.41
N ASN A 108 6.52 -17.08 2.24
CA ASN A 108 6.77 -15.83 1.53
C ASN A 108 5.60 -15.54 0.58
N SER A 109 5.06 -14.32 0.67
CA SER A 109 3.97 -13.88 -0.21
C SER A 109 4.34 -12.51 -0.77
N ASN A 110 5.09 -12.52 -1.87
CA ASN A 110 5.40 -11.31 -2.60
C ASN A 110 4.47 -11.07 -3.78
N LYS A 111 3.50 -11.97 -4.00
CA LYS A 111 2.57 -11.82 -5.11
C LYS A 111 1.64 -10.63 -4.90
N LEU A 112 1.09 -10.49 -3.70
CA LEU A 112 0.09 -9.45 -3.46
C LEU A 112 0.41 -8.59 -2.24
N ASP A 113 0.96 -9.20 -1.18
CA ASP A 113 1.22 -8.43 0.04
C ASP A 113 2.34 -7.42 -0.17
N SER A 114 3.30 -7.73 -1.05
CA SER A 114 4.35 -6.77 -1.35
C SER A 114 3.77 -5.51 -1.98
N LYS A 115 4.23 -4.36 -1.50
CA LYS A 115 3.74 -3.08 -1.97
C LYS A 115 4.92 -2.23 -2.41
N VAL A 116 4.88 -1.75 -3.66
CA VAL A 116 5.99 -0.97 -4.20
C VAL A 116 6.17 0.31 -3.40
N SER A 117 5.10 0.81 -2.77
CA SER A 117 5.18 1.99 -1.93
C SER A 117 5.51 1.68 -0.49
N GLY A 118 5.51 0.41 -0.09
CA GLY A 118 5.82 0.02 1.26
C GLY A 118 4.59 -0.32 2.07
N ASN A 119 4.83 -0.70 3.33
CA ASN A 119 3.76 -1.11 4.23
C ASN A 119 3.13 0.12 4.86
N TYR A 120 1.94 0.49 4.39
CA TYR A 120 1.19 1.57 4.99
C TYR A 120 -0.25 1.16 5.29
N ASN A 121 -0.50 -0.15 5.29
CA ASN A 121 -1.70 -0.74 5.86
C ASN A 121 -1.36 -1.54 7.13
N TYR A 122 -0.20 -2.16 7.16
CA TYR A 122 0.28 -2.86 8.34
C TYR A 122 1.26 -1.99 9.12
N LEU A 123 1.51 -2.38 10.37
CA LEU A 123 2.58 -1.79 11.16
C LEU A 123 2.84 -2.71 12.35
N TYR A 124 3.78 -2.30 13.19
CA TYR A 124 4.14 -3.04 14.40
C TYR A 124 4.53 -2.04 15.48
N ARG A 125 3.92 -2.16 16.65
CA ARG A 125 4.19 -1.23 17.73
C ARG A 125 5.57 -1.49 18.32
N LEU A 126 6.15 -0.45 18.89
CA LEU A 126 7.47 -0.52 19.50
C LEU A 126 7.49 -0.18 20.98
N PHE A 127 6.53 0.62 21.45
CA PHE A 127 6.55 1.16 22.80
C PHE A 127 5.35 0.65 23.59
N ARG A 128 5.61 0.18 24.80
CA ARG A 128 4.57 -0.28 25.72
C ARG A 128 5.22 -0.49 27.09
N LYS A 129 4.51 -0.08 28.14
CA LYS A 129 5.08 -0.13 29.49
C LYS A 129 5.38 -1.55 29.92
N SER A 130 4.44 -2.47 29.69
CA SER A 130 4.54 -3.82 30.23
C SER A 130 4.47 -4.86 29.13
N ASN A 131 5.09 -6.01 29.40
CA ASN A 131 5.05 -7.13 28.48
C ASN A 131 3.66 -7.75 28.49
N LEU A 132 3.05 -7.88 27.33
CA LEU A 132 1.67 -8.34 27.26
C LEU A 132 1.56 -9.82 27.60
N LYS A 133 0.48 -10.16 28.30
CA LYS A 133 0.18 -11.55 28.62
C LYS A 133 -0.14 -12.29 27.33
N PRO A 134 0.30 -13.55 27.20
CA PRO A 134 0.22 -14.24 25.91
C PRO A 134 -1.19 -14.31 25.34
N PHE A 135 -1.26 -14.17 24.02
CA PHE A 135 -2.52 -14.24 23.28
C PHE A 135 -3.50 -13.14 23.68
N GLU A 136 -2.99 -11.96 23.98
CA GLU A 136 -3.82 -10.82 24.33
C GLU A 136 -3.66 -9.72 23.29
N ARG A 137 -4.78 -9.25 22.75
CA ARG A 137 -4.76 -8.15 21.79
C ARG A 137 -4.43 -6.84 22.49
N ASP A 138 -4.10 -5.84 21.68
CA ASP A 138 -3.85 -4.49 22.19
C ASP A 138 -4.08 -3.51 21.06
N ILE A 139 -5.14 -2.71 21.18
CA ILE A 139 -5.51 -1.76 20.15
C ILE A 139 -5.36 -0.32 20.59
N SER A 140 -5.16 -0.06 21.89
CA SER A 140 -5.05 1.31 22.37
C SER A 140 -3.85 2.01 21.74
N THR A 141 -4.07 3.28 21.38
CA THR A 141 -3.04 4.13 20.80
C THR A 141 -2.63 5.23 21.77
N GLU A 142 -2.58 4.90 23.07
CA GLU A 142 -2.14 5.86 24.06
C GLU A 142 -0.69 6.24 23.80
N ILE A 143 -0.42 7.55 23.78
CA ILE A 143 0.93 8.03 23.44
C ILE A 143 1.89 7.60 24.55
N TYR A 144 2.94 6.89 24.17
CA TYR A 144 3.90 6.37 25.13
C TYR A 144 4.88 7.48 25.49
N GLN A 145 4.79 7.95 26.73
CA GLN A 145 5.74 8.94 27.24
C GLN A 145 7.03 8.20 27.62
N ALA A 146 8.11 8.53 26.92
CA ALA A 146 9.36 7.76 27.02
C ALA A 146 10.13 8.09 28.30
N GLY A 147 10.53 9.35 28.47
CA GLY A 147 11.22 9.79 29.66
C GLY A 147 10.29 9.85 30.86
N ASN A 148 10.69 10.63 31.85
CA ASN A 148 9.80 10.91 32.97
C ASN A 148 8.72 11.94 32.63
N LYS A 149 8.84 12.61 31.49
CA LYS A 149 7.95 13.71 31.17
C LYS A 149 6.61 13.19 30.67
N PRO A 150 5.50 13.54 31.33
CA PRO A 150 4.18 13.22 30.78
C PRO A 150 3.90 14.02 29.53
N CYS A 151 3.07 13.45 28.66
CA CYS A 151 2.75 14.11 27.41
C CYS A 151 1.50 13.47 26.80
N ASN A 152 0.63 14.32 26.26
CA ASN A 152 -0.49 13.90 25.44
C ASN A 152 -0.57 14.81 24.22
N GLY A 153 -1.39 14.42 23.26
CA GLY A 153 -1.59 15.24 22.07
C GLY A 153 -0.68 14.87 20.92
N VAL A 154 0.44 15.57 20.78
CA VAL A 154 1.30 15.43 19.62
C VAL A 154 2.63 14.79 20.03
N ALA A 155 3.50 14.55 19.06
CA ALA A 155 4.77 13.88 19.29
C ALA A 155 5.79 14.87 19.84
N GLY A 156 7.04 14.45 19.90
CA GLY A 156 8.13 15.28 20.42
C GLY A 156 9.33 14.42 20.75
N PHE A 157 10.18 14.95 21.63
CA PHE A 157 11.33 14.22 22.13
C PHE A 157 11.08 13.86 23.59
N ASN A 158 11.28 12.59 23.92
CA ASN A 158 10.76 11.88 25.10
C ASN A 158 9.27 11.58 24.95
N CYS A 159 8.62 12.04 23.88
CA CYS A 159 7.22 11.76 23.61
C CYS A 159 7.12 11.20 22.19
N TYR A 160 6.87 9.90 22.08
CA TYR A 160 7.01 9.21 20.81
C TYR A 160 5.68 8.54 20.44
N PHE A 161 5.45 8.46 19.13
CA PHE A 161 4.30 7.73 18.64
C PHE A 161 4.49 6.24 18.86
N PRO A 162 3.53 5.53 19.45
CA PRO A 162 3.73 4.12 19.81
C PRO A 162 3.72 3.16 18.63
N LEU A 163 3.53 3.64 17.41
CA LEU A 163 3.37 2.78 16.25
C LEU A 163 4.43 3.10 15.21
N ARG A 164 5.04 2.05 14.65
CA ARG A 164 5.95 2.14 13.53
C ARG A 164 5.56 1.13 12.47
N SER A 165 5.75 1.51 11.21
CA SER A 165 5.31 0.68 10.09
C SER A 165 6.49 0.09 9.34
N TYR A 166 6.27 -1.08 8.75
CA TYR A 166 7.27 -1.73 7.92
C TYR A 166 7.32 -1.06 6.54
N SER A 167 8.08 -1.67 5.64
CA SER A 167 8.11 -1.23 4.23
C SER A 167 8.49 -2.45 3.39
N PHE A 168 7.48 -3.11 2.82
CA PHE A 168 7.67 -4.34 2.05
C PHE A 168 7.51 -4.02 0.57
N ARG A 169 8.60 -3.64 -0.07
CA ARG A 169 8.66 -3.41 -1.51
C ARG A 169 9.67 -4.37 -2.12
N PRO A 170 9.54 -4.69 -3.41
CA PRO A 170 10.35 -5.78 -3.98
C PRO A 170 11.85 -5.58 -3.87
N THR A 171 12.35 -4.35 -3.73
CA THR A 171 13.78 -4.16 -3.57
C THR A 171 14.30 -4.72 -2.26
N TYR A 172 13.44 -4.91 -1.27
CA TYR A 172 13.86 -5.55 -0.03
C TYR A 172 14.17 -7.03 -0.28
N GLY A 173 15.21 -7.52 0.37
CA GLY A 173 15.69 -8.87 0.18
C GLY A 173 14.95 -9.89 1.01
N VAL A 174 15.44 -11.13 0.94
CA VAL A 174 14.86 -12.22 1.72
C VAL A 174 15.00 -11.91 3.20
N GLY A 175 13.94 -12.19 3.95
CA GLY A 175 13.86 -11.78 5.34
C GLY A 175 13.28 -10.40 5.55
N HIS A 176 13.26 -9.56 4.51
CA HIS A 176 12.60 -8.28 4.55
C HIS A 176 11.31 -8.26 3.74
N GLN A 177 10.91 -9.38 3.15
CA GLN A 177 9.70 -9.47 2.36
C GLN A 177 8.50 -9.79 3.26
N PRO A 178 7.27 -9.54 2.77
CA PRO A 178 6.09 -9.86 3.58
C PRO A 178 5.89 -11.35 3.75
N TYR A 179 6.12 -11.86 4.94
CA TYR A 179 5.89 -13.26 5.26
C TYR A 179 4.57 -13.37 6.00
N ARG A 180 3.60 -14.01 5.37
CA ARG A 180 2.35 -14.32 6.06
C ARG A 180 2.62 -15.33 7.16
N VAL A 181 1.97 -15.14 8.31
CA VAL A 181 2.13 -16.04 9.44
C VAL A 181 0.74 -16.37 9.97
N VAL A 182 0.42 -17.66 10.01
CA VAL A 182 -0.81 -18.13 10.63
C VAL A 182 -0.43 -19.05 11.77
N VAL A 183 -1.25 -19.05 12.81
CA VAL A 183 -1.01 -19.86 14.00
C VAL A 183 -2.31 -20.56 14.36
N LEU A 184 -2.24 -21.88 14.54
CA LEU A 184 -3.37 -22.68 15.00
C LEU A 184 -3.13 -23.06 16.45
N SER A 185 -4.05 -22.67 17.32
CA SER A 185 -3.96 -22.98 18.75
C SER A 185 -5.15 -23.84 19.14
N PHE A 186 -4.88 -24.96 19.81
CA PHE A 186 -5.93 -25.89 20.17
C PHE A 186 -5.51 -26.66 21.42
N GLU A 187 -6.50 -27.26 22.08
CA GLU A 187 -6.29 -28.11 23.24
C GLU A 187 -6.46 -29.56 22.83
N LEU A 188 -5.49 -30.39 23.20
CA LEU A 188 -5.38 -31.75 22.65
C LEU A 188 -6.19 -32.72 23.51
N LEU A 189 -7.45 -32.93 23.12
CA LEU A 189 -8.31 -33.99 23.65
C LEU A 189 -8.45 -33.90 25.18
N HIS A 190 -9.12 -32.83 25.60
CA HIS A 190 -9.55 -32.70 27.00
C HIS A 190 -11.02 -32.31 27.08
N ALA A 191 -11.76 -32.49 26.00
CA ALA A 191 -13.15 -32.09 25.90
C ALA A 191 -13.79 -32.86 24.75
N PRO A 192 -15.12 -32.92 24.69
CA PRO A 192 -15.76 -33.56 23.54
C PRO A 192 -15.33 -32.92 22.23
N ALA A 193 -15.05 -33.75 21.23
CA ALA A 193 -14.47 -33.27 19.99
C ALA A 193 -15.55 -32.72 19.08
N THR A 194 -15.30 -31.52 18.53
CA THR A 194 -16.17 -30.92 17.54
C THR A 194 -15.53 -30.79 16.16
N VAL A 195 -14.20 -30.84 16.08
CA VAL A 195 -13.48 -30.82 14.82
C VAL A 195 -12.46 -31.95 14.81
N CYS A 196 -12.52 -32.78 13.78
CA CYS A 196 -11.56 -33.85 13.55
C CYS A 196 -11.35 -34.02 12.06
N GLY A 197 -10.11 -34.33 11.68
CA GLY A 197 -9.79 -34.56 10.31
C GLY A 197 -10.42 -35.84 9.78
N PRO A 198 -10.14 -36.15 8.52
CA PRO A 198 -10.70 -37.37 7.94
C PRO A 198 -10.07 -38.62 8.54
N LYS A 199 -10.82 -39.32 9.38
CA LYS A 199 -10.33 -40.53 10.03
C LYS A 199 -10.13 -41.60 8.97
N LYS A 200 -8.89 -41.82 8.58
CA LYS A 200 -8.57 -42.67 7.44
C LYS A 200 -8.49 -44.14 7.84
N SER A 201 -8.83 -45.01 6.90
CA SER A 201 -8.78 -46.45 7.13
C SER A 201 -7.94 -47.12 6.05
N VAL B 1 -15.15 7.42 -4.38
CA VAL B 1 -14.42 8.38 -3.58
C VAL B 1 -14.99 9.78 -3.76
N GLN B 2 -14.71 10.67 -2.80
CA GLN B 2 -15.19 12.06 -2.83
C GLN B 2 -14.08 12.94 -2.26
N LEU B 3 -13.37 13.63 -3.14
CA LEU B 3 -12.25 14.45 -2.71
C LEU B 3 -12.59 15.93 -2.80
N VAL B 4 -12.19 16.69 -1.78
CA VAL B 4 -12.37 18.14 -1.75
C VAL B 4 -11.10 18.78 -1.21
N GLN B 5 -10.97 20.08 -1.44
CA GLN B 5 -9.81 20.84 -0.98
C GLN B 5 -10.21 22.30 -0.83
N SER B 6 -9.24 23.12 -0.45
CA SER B 6 -9.49 24.55 -0.25
C SER B 6 -9.62 25.27 -1.60
N GLY B 7 -10.12 26.51 -1.53
CA GLY B 7 -10.32 27.29 -2.73
C GLY B 7 -9.03 27.96 -3.21
N ALA B 8 -9.11 28.49 -4.43
CA ALA B 8 -7.97 29.15 -5.04
C ALA B 8 -7.76 30.54 -4.46
N GLU B 9 -6.52 30.85 -4.10
CA GLU B 9 -6.16 32.16 -3.57
C GLU B 9 -4.81 32.58 -4.13
N VAL B 10 -4.59 33.89 -4.21
CA VAL B 10 -3.40 34.47 -4.82
C VAL B 10 -2.57 35.15 -3.74
N LYS B 11 -1.25 34.96 -3.80
CA LYS B 11 -0.35 35.53 -2.80
C LYS B 11 0.75 36.35 -3.46
N LYS B 12 1.75 36.72 -2.68
CA LYS B 12 2.92 37.46 -3.12
C LYS B 12 4.17 36.73 -2.69
N PRO B 13 5.30 36.94 -3.36
CA PRO B 13 6.53 36.24 -2.99
C PRO B 13 6.95 36.53 -1.55
N GLY B 14 7.54 35.53 -0.91
CA GLY B 14 7.96 35.63 0.47
C GLY B 14 6.92 35.27 1.49
N SER B 15 5.73 34.85 1.06
CA SER B 15 4.65 34.51 1.95
C SER B 15 4.69 33.01 2.28
N SER B 16 3.63 32.50 2.91
CA SER B 16 3.51 31.09 3.25
C SER B 16 2.11 30.61 2.89
N VAL B 17 2.00 29.31 2.64
CA VAL B 17 0.74 28.72 2.21
C VAL B 17 0.34 27.62 3.18
N LYS B 18 -0.90 27.68 3.65
CA LYS B 18 -1.54 26.57 4.36
C LYS B 18 -2.68 26.06 3.49
N VAL B 19 -2.56 24.84 2.99
CA VAL B 19 -3.58 24.28 2.11
C VAL B 19 -3.97 22.89 2.62
N SER B 20 -5.22 22.53 2.37
CA SER B 20 -5.82 21.35 2.98
C SER B 20 -6.56 20.51 1.93
N CYS B 21 -6.55 19.19 2.14
CA CYS B 21 -7.27 18.25 1.31
C CYS B 21 -8.01 17.26 2.20
N LYS B 22 -9.27 17.00 1.85
CA LYS B 22 -10.16 16.11 2.58
C LYS B 22 -10.67 15.02 1.64
N ALA B 23 -10.77 13.80 2.16
CA ALA B 23 -11.32 12.66 1.42
C ALA B 23 -12.48 12.08 2.21
N SER B 24 -13.54 11.71 1.50
CA SER B 24 -14.74 11.14 2.10
C SER B 24 -15.30 10.07 1.19
N GLY B 25 -16.20 9.26 1.74
CA GLY B 25 -16.74 8.12 1.03
C GLY B 25 -15.92 6.86 1.17
N ASP B 26 -14.80 6.90 1.90
CA ASP B 26 -13.96 5.75 2.11
C ASP B 26 -13.30 5.85 3.47
N THR B 27 -12.42 4.89 3.77
CA THR B 27 -11.61 4.95 4.97
C THR B 27 -10.40 5.85 4.72
N PHE B 28 -10.39 7.03 5.35
CA PHE B 28 -9.35 8.01 5.08
C PHE B 28 -7.98 7.49 5.47
N SER B 29 -7.87 6.86 6.65
CA SER B 29 -6.57 6.51 7.20
C SER B 29 -5.85 5.47 6.36
N SER B 30 -6.58 4.46 5.87
CA SER B 30 -5.94 3.28 5.30
C SER B 30 -5.07 3.63 4.09
N TYR B 31 -5.46 4.65 3.32
CA TYR B 31 -4.75 5.02 2.11
C TYR B 31 -3.76 6.13 2.39
N THR B 32 -2.55 5.99 1.86
CA THR B 32 -1.60 7.10 1.85
C THR B 32 -2.03 8.14 0.83
N PHE B 33 -1.43 9.33 0.92
CA PHE B 33 -1.86 10.45 0.09
C PHE B 33 -0.66 11.19 -0.48
N SER B 34 -0.73 11.49 -1.77
CA SER B 34 0.40 12.12 -2.47
C SER B 34 0.02 13.54 -2.86
N TRP B 35 1.01 14.43 -2.86
CA TRP B 35 0.84 15.81 -3.27
C TRP B 35 1.75 16.09 -4.46
N VAL B 36 1.18 16.63 -5.53
CA VAL B 36 1.91 16.91 -6.77
C VAL B 36 1.46 18.26 -7.31
N ARG B 37 2.40 19.12 -7.67
CA ARG B 37 2.06 20.38 -8.30
C ARG B 37 2.39 20.34 -9.79
N GLN B 38 1.76 21.27 -10.53
CA GLN B 38 1.98 21.38 -11.97
C GLN B 38 1.78 22.84 -12.37
N ALA B 39 2.76 23.42 -13.04
CA ALA B 39 2.59 24.77 -13.55
C ALA B 39 1.52 24.80 -14.63
N PRO B 40 0.77 25.90 -14.74
CA PRO B 40 -0.34 25.95 -15.70
C PRO B 40 0.12 25.68 -17.12
N GLY B 41 -0.48 24.66 -17.75
CA GLY B 41 -0.10 24.27 -19.09
C GLY B 41 1.31 23.79 -19.23
N GLN B 42 1.87 23.18 -18.20
CA GLN B 42 3.25 22.70 -18.22
C GLN B 42 3.29 21.23 -17.79
N GLY B 43 4.52 20.72 -17.59
CA GLY B 43 4.70 19.33 -17.25
C GLY B 43 4.35 19.01 -15.81
N LEU B 44 4.35 17.71 -15.51
CA LEU B 44 4.00 17.17 -14.21
C LEU B 44 5.26 16.76 -13.46
N GLU B 45 5.29 17.02 -12.15
CA GLU B 45 6.40 16.61 -11.31
C GLU B 45 5.94 16.47 -9.86
N TRP B 46 6.36 15.38 -9.24
CA TRP B 46 5.86 14.98 -7.93
C TRP B 46 6.50 15.78 -6.81
N MET B 47 5.73 16.10 -5.77
CA MET B 47 6.23 16.81 -4.60
C MET B 47 6.47 15.90 -3.40
N GLY B 48 5.43 15.21 -2.92
CA GLY B 48 5.62 14.48 -1.68
C GLY B 48 4.54 13.44 -1.43
N ARG B 49 4.74 12.68 -0.36
CA ARG B 49 3.82 11.63 0.05
C ARG B 49 3.69 11.64 1.56
N SER B 50 2.49 11.29 2.04
CA SER B 50 2.16 11.37 3.45
C SER B 50 1.37 10.13 3.86
N ILE B 51 1.51 9.77 5.12
CA ILE B 51 1.03 8.51 5.66
C ILE B 51 0.03 8.80 6.78
N PRO B 52 -1.27 8.74 6.49
CA PRO B 52 -2.26 8.95 7.55
C PRO B 52 -2.16 7.96 8.69
N ILE B 53 -1.69 6.74 8.44
CA ILE B 53 -1.62 5.73 9.50
C ILE B 53 -0.63 6.14 10.58
N VAL B 54 0.54 6.63 10.19
CA VAL B 54 1.63 6.93 11.12
C VAL B 54 1.87 8.44 11.23
N GLY B 55 1.89 9.13 10.11
CA GLY B 55 2.30 10.52 10.05
C GLY B 55 3.67 10.74 9.45
N LYS B 56 4.47 9.70 9.27
CA LYS B 56 5.73 9.82 8.56
C LYS B 56 5.47 10.27 7.13
N ALA B 57 6.33 11.15 6.63
CA ALA B 57 6.17 11.72 5.30
C ALA B 57 7.50 11.70 4.56
N ILE B 58 7.41 11.69 3.24
CA ILE B 58 8.58 11.75 2.37
C ILE B 58 8.38 12.89 1.39
N TYR B 59 9.47 13.59 1.08
CA TYR B 59 9.43 14.75 0.19
C TYR B 59 10.45 14.57 -0.92
N ALA B 60 10.30 15.38 -1.96
CA ALA B 60 11.30 15.41 -3.03
C ALA B 60 12.63 15.90 -2.48
N GLN B 61 13.70 15.19 -2.83
CA GLN B 61 15.02 15.54 -2.30
C GLN B 61 15.43 16.95 -2.67
N GLU B 62 15.00 17.45 -3.84
CA GLU B 62 15.30 18.80 -4.25
C GLU B 62 14.51 19.84 -3.46
N PHE B 63 13.52 19.44 -2.68
CA PHE B 63 12.65 20.37 -1.96
C PHE B 63 12.47 19.93 -0.51
N GLN B 64 13.54 19.40 0.08
CA GLN B 64 13.49 19.02 1.49
C GLN B 64 13.40 20.25 2.39
N GLY B 65 12.65 20.11 3.47
CA GLY B 65 12.58 21.16 4.48
C GLY B 65 11.76 22.40 4.18
N ARG B 66 11.96 22.99 2.98
CA ARG B 66 11.25 24.21 2.64
C ARG B 66 9.75 24.02 2.58
N VAL B 67 9.28 22.79 2.39
CA VAL B 67 7.86 22.47 2.42
C VAL B 67 7.65 21.46 3.53
N THR B 68 6.42 21.41 4.05
CA THR B 68 6.13 20.38 5.04
C THR B 68 4.71 19.86 4.83
N ILE B 69 4.52 18.59 5.19
CA ILE B 69 3.28 17.87 4.97
C ILE B 69 2.82 17.31 6.31
N SER B 70 1.53 17.47 6.62
CA SER B 70 0.97 16.96 7.85
C SER B 70 -0.34 16.23 7.56
N ALA B 71 -0.67 15.27 8.43
CA ALA B 71 -1.89 14.50 8.31
C ALA B 71 -2.51 14.29 9.68
N ASP B 72 -3.83 14.17 9.72
CA ASP B 72 -4.56 13.93 10.95
C ASP B 72 -5.60 12.85 10.72
N ARG B 73 -5.62 11.84 11.59
CA ARG B 73 -6.53 10.72 11.47
C ARG B 73 -7.84 10.92 12.22
N SER B 74 -7.84 11.74 13.28
CA SER B 74 -9.08 12.01 14.00
C SER B 74 -10.01 12.90 13.18
N THR B 75 -9.47 13.97 12.60
CA THR B 75 -10.23 14.82 11.69
C THR B 75 -10.12 14.36 10.24
N THR B 76 -9.25 13.40 9.95
CA THR B 76 -9.14 12.78 8.62
C THR B 76 -8.86 13.82 7.54
N THR B 77 -7.70 14.46 7.63
CA THR B 77 -7.40 15.55 6.70
C THR B 77 -5.89 15.58 6.47
N VAL B 78 -5.46 16.18 5.35
CA VAL B 78 -4.04 16.37 5.05
C VAL B 78 -3.80 17.83 4.72
N TYR B 79 -2.60 18.33 5.02
CA TYR B 79 -2.22 19.72 4.82
C TYR B 79 -0.82 19.84 4.24
N MET B 80 -0.64 20.82 3.36
CA MET B 80 0.68 21.37 3.03
C MET B 80 0.88 22.68 3.76
N GLU B 81 2.12 22.93 4.16
CA GLU B 81 2.61 24.27 4.46
C GLU B 81 3.79 24.57 3.55
N LEU B 82 3.71 25.70 2.86
CA LEU B 82 4.69 26.15 1.88
C LEU B 82 5.40 27.39 2.42
N SER B 83 6.73 27.40 2.30
CA SER B 83 7.54 28.51 2.78
C SER B 83 8.44 29.01 1.64
N SER B 84 8.74 30.30 1.67
CA SER B 84 9.59 30.96 0.68
C SER B 84 9.04 30.78 -0.74
N LEU B 85 7.85 31.32 -0.95
CA LEU B 85 7.22 31.28 -2.27
C LEU B 85 7.90 32.26 -3.21
N ARG B 86 7.75 31.99 -4.51
CA ARG B 86 8.30 32.84 -5.56
C ARG B 86 7.50 32.58 -6.83
N SER B 87 7.91 33.22 -7.93
CA SER B 87 7.22 33.05 -9.20
C SER B 87 7.32 31.62 -9.73
N ASP B 88 8.30 30.85 -9.26
CA ASP B 88 8.45 29.47 -9.71
C ASP B 88 7.38 28.56 -9.14
N ASP B 89 6.64 29.00 -8.12
CA ASP B 89 5.63 28.19 -7.46
C ASP B 89 4.22 28.48 -7.96
N THR B 90 4.08 29.27 -9.02
CA THR B 90 2.76 29.54 -9.61
C THR B 90 2.27 28.26 -10.28
N ALA B 91 1.39 27.53 -9.60
CA ALA B 91 1.02 26.21 -10.10
C ALA B 91 -0.27 25.75 -9.43
N VAL B 92 -0.82 24.67 -9.96
CA VAL B 92 -1.99 24.01 -9.38
C VAL B 92 -1.52 22.77 -8.63
N TYR B 93 -2.10 22.54 -7.46
CA TYR B 93 -1.67 21.49 -6.55
C TYR B 93 -2.76 20.42 -6.44
N TYR B 94 -2.33 19.17 -6.44
CA TYR B 94 -3.23 18.03 -6.56
C TYR B 94 -2.90 17.05 -5.43
N CYS B 95 -3.96 16.62 -4.73
CA CYS B 95 -3.86 15.57 -3.72
C CYS B 95 -4.45 14.28 -4.30
N ALA B 96 -3.56 13.31 -4.55
CA ALA B 96 -3.97 12.04 -5.14
C ALA B 96 -4.06 10.95 -4.07
N ARG B 97 -5.00 10.04 -4.27
CA ARG B 97 -5.25 8.91 -3.38
C ARG B 97 -4.81 7.62 -4.06
N ASP B 98 -3.96 6.86 -3.38
CA ASP B 98 -3.51 5.59 -3.94
C ASP B 98 -4.56 4.51 -3.71
N GLN B 99 -4.95 3.84 -4.79
CA GLN B 99 -5.88 2.73 -4.70
C GLN B 99 -5.17 1.43 -4.37
N SER B 100 -3.97 1.25 -4.91
CA SER B 100 -3.13 0.10 -4.63
C SER B 100 -1.67 0.52 -4.69
N GLY B 101 -0.89 0.11 -3.69
CA GLY B 101 0.52 0.42 -3.68
C GLY B 101 1.34 -0.60 -4.41
N PHE B 102 0.94 -0.94 -5.64
CA PHE B 102 1.64 -1.93 -6.43
C PHE B 102 1.79 -1.43 -7.86
N ASP B 103 2.79 -1.95 -8.55
CA ASP B 103 3.07 -1.52 -9.92
C ASP B 103 1.91 -1.85 -10.85
N PHE B 104 1.09 -2.84 -10.50
CA PHE B 104 -0.02 -3.23 -11.35
C PHE B 104 -1.01 -2.09 -11.52
N PHE B 105 -1.33 -1.40 -10.44
CA PHE B 105 -2.26 -0.27 -10.48
C PHE B 105 -1.95 0.66 -9.31
N TYR B 106 -1.83 1.95 -9.58
CA TYR B 106 -1.51 2.92 -8.53
C TYR B 106 -1.81 4.33 -9.02
N TYR B 107 -2.14 5.19 -8.06
CA TYR B 107 -2.26 6.64 -8.29
C TYR B 107 -3.44 6.99 -9.18
N ASP B 108 -4.56 6.27 -9.00
CA ASP B 108 -5.73 6.51 -9.84
C ASP B 108 -6.71 7.51 -9.22
N HIS B 109 -7.27 7.17 -8.06
CA HIS B 109 -8.25 8.04 -7.44
C HIS B 109 -7.60 9.35 -7.01
N TRP B 110 -8.12 10.46 -7.53
CA TRP B 110 -7.32 11.68 -7.56
C TRP B 110 -8.20 12.89 -7.90
N GLY B 111 -7.94 14.00 -7.21
CA GLY B 111 -8.83 15.16 -7.21
C GLY B 111 -8.37 16.33 -8.04
N GLN B 112 -9.12 17.43 -7.99
CA GLN B 112 -8.91 18.59 -8.85
C GLN B 112 -8.09 19.70 -8.21
N GLY B 113 -7.61 19.52 -6.97
CA GLY B 113 -6.63 20.44 -6.39
C GLY B 113 -7.03 21.92 -6.31
N THR B 114 -6.02 22.75 -6.06
CA THR B 114 -6.20 24.19 -5.88
C THR B 114 -5.11 24.92 -6.64
N LEU B 115 -5.49 25.96 -7.39
CA LEU B 115 -4.53 26.77 -8.12
C LEU B 115 -3.98 27.86 -7.20
N VAL B 116 -2.68 28.14 -7.33
CA VAL B 116 -2.00 29.16 -6.54
C VAL B 116 -1.16 30.01 -7.48
N ALA B 117 -1.32 31.32 -7.41
CA ALA B 117 -0.53 32.28 -8.16
C ALA B 117 0.24 33.16 -7.19
N VAL B 118 1.53 33.35 -7.47
CA VAL B 118 2.38 34.13 -6.58
C VAL B 118 2.75 35.46 -7.23
N GLN C 1 11.97 17.94 -18.25
CA GLN C 1 12.64 18.26 -17.00
C GLN C 1 13.00 16.99 -16.24
N SER C 2 12.28 15.91 -16.52
CA SER C 2 12.48 14.64 -15.84
C SER C 2 13.33 13.72 -16.71
N VAL C 3 13.64 12.53 -16.17
CA VAL C 3 14.38 11.54 -16.94
C VAL C 3 13.53 11.04 -18.11
N LEU C 4 12.23 10.90 -17.90
CA LEU C 4 11.32 10.44 -18.95
C LEU C 4 11.12 11.55 -19.96
N THR C 5 11.86 11.48 -21.07
CA THR C 5 11.74 12.49 -22.12
C THR C 5 10.44 12.31 -22.87
N GLN C 6 10.01 13.38 -23.54
CA GLN C 6 8.72 13.36 -24.21
C GLN C 6 8.65 14.47 -25.25
N PRO C 7 8.32 14.15 -26.50
CA PRO C 7 8.09 15.22 -27.48
C PRO C 7 6.95 16.13 -27.04
N PRO C 8 6.99 17.41 -27.42
CA PRO C 8 6.03 18.37 -26.85
C PRO C 8 4.62 18.27 -27.40
N SER C 9 4.47 17.92 -28.68
CA SER C 9 3.17 17.99 -29.33
C SER C 9 2.93 16.74 -30.17
N ALA C 10 1.65 16.47 -30.42
CA ALA C 10 1.23 15.37 -31.27
C ALA C 10 -0.06 15.75 -31.98
N SER C 11 -0.30 15.18 -33.15
CA SER C 11 -1.46 15.51 -33.95
C SER C 11 -2.21 14.24 -34.34
N GLY C 12 -3.51 14.40 -34.62
CA GLY C 12 -4.31 13.29 -35.07
C GLY C 12 -5.60 13.69 -35.75
N THR C 13 -5.85 13.12 -36.93
CA THR C 13 -7.08 13.36 -37.69
C THR C 13 -8.10 12.28 -37.40
N PRO C 14 -9.39 12.56 -37.61
CA PRO C 14 -10.42 11.52 -37.37
C PRO C 14 -10.18 10.31 -38.23
N GLY C 15 -10.40 9.13 -37.64
CA GLY C 15 -10.22 7.87 -38.34
C GLY C 15 -8.79 7.49 -38.61
N GLN C 16 -7.82 8.16 -37.98
CA GLN C 16 -6.41 7.92 -38.21
C GLN C 16 -5.80 7.22 -37.01
N ARG C 17 -4.98 6.21 -37.27
CA ARG C 17 -4.24 5.51 -36.22
C ARG C 17 -2.97 6.28 -35.90
N VAL C 18 -2.88 6.80 -34.68
CA VAL C 18 -1.75 7.61 -34.26
C VAL C 18 -1.00 6.91 -33.14
N THR C 19 0.30 7.16 -33.07
CA THR C 19 1.17 6.55 -32.07
C THR C 19 1.95 7.62 -31.34
N ILE C 20 2.08 7.47 -30.02
CA ILE C 20 2.87 8.39 -29.19
C ILE C 20 3.78 7.56 -28.30
N SER C 21 5.04 7.96 -28.22
CA SER C 21 6.07 7.19 -27.52
C SER C 21 6.69 8.01 -26.39
N CYS C 22 6.96 7.33 -25.27
CA CYS C 22 7.62 7.91 -24.12
C CYS C 22 8.79 7.02 -23.74
N SER C 23 9.95 7.63 -23.53
CA SER C 23 11.16 6.87 -23.25
C SER C 23 11.91 7.50 -22.09
N GLY C 24 12.70 6.67 -21.40
CA GLY C 24 13.49 7.11 -20.27
C GLY C 24 14.84 6.44 -20.20
N SER C 25 15.18 5.92 -19.03
CA SER C 25 16.46 5.23 -18.81
C SER C 25 16.19 3.88 -18.16
N GLY C 26 17.10 2.93 -18.43
CA GLY C 26 16.94 1.58 -17.92
C GLY C 26 16.93 1.47 -16.40
N SER C 27 17.37 2.51 -15.70
CA SER C 27 17.33 2.49 -14.24
C SER C 27 15.90 2.40 -13.72
N ASN C 28 14.96 3.11 -14.36
CA ASN C 28 13.59 3.16 -13.89
C ASN C 28 12.57 2.60 -14.87
N ILE C 29 12.67 2.95 -16.16
CA ILE C 29 11.63 2.53 -17.09
C ILE C 29 11.94 1.14 -17.66
N GLY C 30 13.22 0.74 -17.67
CA GLY C 30 13.58 -0.59 -18.11
C GLY C 30 13.32 -1.68 -17.10
N SER C 31 12.98 -1.31 -15.86
CA SER C 31 12.72 -2.28 -14.80
C SER C 31 11.35 -2.12 -14.15
N ASN C 32 10.58 -1.10 -14.52
CA ASN C 32 9.27 -0.87 -13.93
C ASN C 32 8.28 -0.51 -15.03
N THR C 33 7.01 -0.82 -14.79
CA THR C 33 5.96 -0.54 -15.76
C THR C 33 5.63 0.95 -15.79
N ILE C 34 4.78 1.33 -16.74
CA ILE C 34 4.52 2.74 -17.04
C ILE C 34 3.01 2.97 -16.99
N ASN C 35 2.60 4.07 -16.36
CA ASN C 35 1.20 4.48 -16.35
C ASN C 35 1.04 5.66 -17.30
N TRP C 36 -0.12 5.77 -17.93
CA TRP C 36 -0.41 6.90 -18.80
C TRP C 36 -1.63 7.66 -18.31
N TYR C 37 -1.54 9.00 -18.39
CA TYR C 37 -2.47 9.93 -17.79
C TYR C 37 -2.92 10.95 -18.83
N GLN C 38 -4.11 11.52 -18.62
CA GLN C 38 -4.69 12.49 -19.54
C GLN C 38 -5.04 13.77 -18.79
N GLN C 39 -4.32 14.84 -19.09
CA GLN C 39 -4.68 16.18 -18.66
C GLN C 39 -5.69 16.75 -19.65
N LEU C 40 -6.96 16.61 -19.35
CA LEU C 40 -8.00 17.20 -20.18
C LEU C 40 -8.04 18.71 -19.93
N PRO C 41 -8.32 19.53 -20.94
CA PRO C 41 -8.14 20.98 -20.81
C PRO C 41 -8.99 21.59 -19.70
N GLY C 42 -8.39 22.55 -19.00
CA GLY C 42 -9.11 23.45 -18.12
C GLY C 42 -9.47 22.94 -16.75
N THR C 43 -9.72 21.64 -16.60
CA THR C 43 -10.20 21.10 -15.32
C THR C 43 -9.42 19.84 -14.99
N ALA C 44 -9.99 19.02 -14.09
CA ALA C 44 -9.29 17.90 -13.47
C ALA C 44 -8.84 16.88 -14.50
N PRO C 45 -7.54 16.56 -14.52
CA PRO C 45 -7.06 15.48 -15.38
C PRO C 45 -7.53 14.12 -14.93
N LYS C 46 -7.59 13.20 -15.88
CA LYS C 46 -8.14 11.87 -15.66
C LYS C 46 -7.12 10.81 -16.06
N VAL C 47 -7.24 9.63 -15.45
CA VAL C 47 -6.33 8.52 -15.74
C VAL C 47 -6.65 7.95 -17.12
N LEU C 48 -5.62 7.42 -17.78
CA LEU C 48 -5.80 6.66 -19.01
C LEU C 48 -5.59 5.16 -18.80
N ILE C 49 -4.43 4.74 -18.32
CA ILE C 49 -4.14 3.31 -18.24
C ILE C 49 -3.04 3.08 -17.20
N TYR C 50 -3.10 1.93 -16.55
CA TYR C 50 -2.08 1.50 -15.60
C TYR C 50 -1.50 0.17 -16.04
N ARG C 51 -0.20 0.01 -15.86
CA ARG C 51 0.55 -1.20 -16.19
C ARG C 51 0.55 -1.49 -17.70
N ASN C 52 0.17 -0.50 -18.51
CA ASN C 52 0.34 -0.53 -19.96
C ASN C 52 -0.54 -1.57 -20.65
N ASN C 53 -1.31 -2.36 -19.90
CA ASN C 53 -2.05 -3.45 -20.50
C ASN C 53 -3.49 -3.60 -20.02
N GLU C 54 -3.87 -2.99 -18.90
CA GLU C 54 -5.22 -3.12 -18.39
C GLU C 54 -5.75 -1.75 -18.00
N ARG C 55 -7.06 -1.57 -18.15
CA ARG C 55 -7.73 -0.29 -18.06
C ARG C 55 -8.77 -0.30 -16.93
N PRO C 56 -9.11 0.87 -16.38
CA PRO C 56 -10.13 0.92 -15.33
C PRO C 56 -11.54 0.72 -15.86
N SER C 57 -12.52 0.84 -14.98
CA SER C 57 -13.92 0.65 -15.35
C SER C 57 -14.52 1.94 -15.88
N GLY C 58 -15.23 1.83 -17.00
CA GLY C 58 -15.89 2.95 -17.62
C GLY C 58 -15.09 3.68 -18.68
N VAL C 59 -13.78 3.45 -18.74
CA VAL C 59 -12.94 4.09 -19.74
C VAL C 59 -13.15 3.40 -21.09
N PRO C 60 -13.15 4.13 -22.21
CA PRO C 60 -13.27 3.47 -23.52
C PRO C 60 -12.05 2.61 -23.84
N ASP C 61 -12.08 1.92 -24.99
CA ASP C 61 -11.15 0.83 -25.25
C ASP C 61 -10.24 1.05 -26.45
N ARG C 62 -10.38 2.14 -27.21
CA ARG C 62 -9.55 2.28 -28.39
C ARG C 62 -8.09 2.57 -28.06
N PHE C 63 -7.78 2.89 -26.81
CA PHE C 63 -6.40 3.06 -26.39
C PHE C 63 -5.71 1.70 -26.39
N SER C 64 -4.50 1.64 -26.96
CA SER C 64 -3.71 0.41 -26.91
C SER C 64 -2.29 0.76 -26.48
N GLY C 65 -1.94 0.39 -25.25
CA GLY C 65 -0.62 0.66 -24.71
C GLY C 65 0.28 -0.57 -24.80
N SER C 66 1.57 -0.32 -24.99
CA SER C 66 2.56 -1.39 -25.06
C SER C 66 3.88 -0.89 -24.51
N LYS C 67 4.68 -1.82 -24.00
CA LYS C 67 5.98 -1.53 -23.43
C LYS C 67 7.04 -2.35 -24.13
N SER C 68 8.15 -1.70 -24.50
CA SER C 68 9.34 -2.38 -25.02
C SER C 68 10.55 -1.74 -24.34
N GLY C 69 10.92 -2.27 -23.19
CA GLY C 69 12.09 -1.79 -22.48
C GLY C 69 11.97 -0.31 -22.17
N THR C 70 12.78 0.49 -22.88
CA THR C 70 12.81 1.93 -22.63
C THR C 70 11.57 2.62 -23.20
N SER C 71 11.03 2.12 -24.30
CA SER C 71 10.02 2.83 -25.07
C SER C 71 8.63 2.28 -24.78
N ALA C 72 7.74 3.13 -24.27
CA ALA C 72 6.34 2.78 -24.10
C ALA C 72 5.51 3.57 -25.10
N SER C 73 4.65 2.85 -25.84
CA SER C 73 3.92 3.46 -26.93
C SER C 73 2.43 3.25 -26.75
N LEU C 74 1.68 4.34 -26.90
CA LEU C 74 0.22 4.31 -26.90
C LEU C 74 -0.27 4.60 -28.30
N THR C 75 -1.19 3.75 -28.77
CA THR C 75 -1.77 3.88 -30.11
C THR C 75 -3.26 4.14 -29.99
N ILE C 76 -3.74 5.09 -30.79
CA ILE C 76 -5.12 5.55 -30.76
C ILE C 76 -5.73 5.33 -32.13
N SER C 77 -6.88 4.66 -32.16
CA SER C 77 -7.62 4.41 -33.39
C SER C 77 -9.01 5.00 -33.26
N GLY C 78 -9.51 5.61 -34.32
CA GLY C 78 -10.80 6.25 -34.28
C GLY C 78 -10.82 7.43 -33.33
N LEU C 79 -9.81 8.28 -33.41
CA LEU C 79 -9.69 9.42 -32.51
C LEU C 79 -10.83 10.40 -32.75
N GLN C 80 -11.36 10.95 -31.66
CA GLN C 80 -12.50 11.86 -31.70
C GLN C 80 -12.03 13.30 -31.46
N SER C 81 -12.92 14.23 -31.80
CA SER C 81 -12.56 15.65 -31.82
C SER C 81 -12.48 16.28 -30.43
N GLU C 82 -12.97 15.60 -29.40
CA GLU C 82 -12.92 16.12 -28.05
C GLU C 82 -11.69 15.65 -27.27
N ASP C 83 -10.77 14.95 -27.92
CA ASP C 83 -9.63 14.35 -27.23
C ASP C 83 -8.39 15.23 -27.24
N GLU C 84 -8.48 16.45 -27.75
CA GLU C 84 -7.35 17.37 -27.73
C GLU C 84 -6.99 17.69 -26.28
N ALA C 85 -5.83 17.23 -25.83
CA ALA C 85 -5.49 17.34 -24.41
C ALA C 85 -4.01 16.99 -24.22
N TYR C 86 -3.52 17.23 -23.00
CA TYR C 86 -2.19 16.79 -22.65
C TYR C 86 -2.20 15.30 -22.32
N TYR C 87 -1.18 14.59 -22.78
CA TYR C 87 -0.98 13.20 -22.44
C TYR C 87 0.38 13.02 -21.77
N HIS C 88 0.41 12.27 -20.67
CA HIS C 88 1.60 12.15 -19.85
C HIS C 88 1.91 10.70 -19.54
N CYS C 89 3.20 10.41 -19.35
CA CYS C 89 3.69 9.11 -18.94
C CYS C 89 4.34 9.23 -17.57
N ALA C 90 4.09 8.23 -16.71
CA ALA C 90 4.61 8.24 -15.35
C ALA C 90 5.15 6.85 -15.00
N ALA C 91 6.09 6.82 -14.07
CA ALA C 91 6.67 5.57 -13.61
C ALA C 91 7.28 5.77 -12.24
N TRP C 92 7.27 4.71 -11.43
CA TRP C 92 7.83 4.77 -10.08
C TRP C 92 9.35 4.65 -10.19
N ASP C 93 10.02 5.79 -10.30
CA ASP C 93 11.48 5.83 -10.30
C ASP C 93 12.01 5.22 -9.01
N ASP C 94 12.79 4.15 -9.14
CA ASP C 94 13.38 3.47 -8.00
C ASP C 94 14.67 4.12 -7.50
N SER C 95 15.38 4.85 -8.37
CA SER C 95 16.59 5.53 -7.93
C SER C 95 16.28 6.61 -6.89
N LEU C 96 15.22 7.39 -7.12
CA LEU C 96 14.80 8.41 -6.18
C LEU C 96 13.68 7.95 -5.26
N ASN C 97 13.24 6.70 -5.39
CA ASN C 97 12.18 6.13 -4.55
C ASN C 97 10.90 6.97 -4.60
N GLY C 98 10.53 7.38 -5.81
CA GLY C 98 9.36 8.22 -5.98
C GLY C 98 8.83 8.22 -7.41
N PRO C 99 7.61 8.70 -7.59
CA PRO C 99 7.04 8.74 -8.94
C PRO C 99 7.64 9.88 -9.76
N VAL C 100 7.87 9.59 -11.04
CA VAL C 100 8.39 10.56 -11.99
C VAL C 100 7.47 10.60 -13.20
N PHE C 101 7.21 11.80 -13.71
CA PHE C 101 6.23 12.02 -14.75
C PHE C 101 6.91 12.59 -16.00
N GLY C 102 6.34 12.26 -17.16
CA GLY C 102 6.89 12.68 -18.43
C GLY C 102 6.63 14.15 -18.72
N GLY C 103 7.23 14.60 -19.82
CA GLY C 103 7.10 16.01 -20.20
C GLY C 103 5.72 16.37 -20.70
N GLY C 104 4.99 15.42 -21.27
CA GLY C 104 3.65 15.68 -21.74
C GLY C 104 3.58 16.04 -23.22
N THR C 105 2.46 15.68 -23.86
CA THR C 105 2.23 15.95 -25.27
C THR C 105 0.91 16.69 -25.43
N LYS C 106 0.87 17.61 -26.39
CA LYS C 106 -0.37 18.28 -26.77
C LYS C 106 -0.98 17.49 -27.92
N LEU C 107 -1.89 16.58 -27.61
CA LEU C 107 -2.65 15.87 -28.63
C LEU C 107 -3.69 16.81 -29.22
N THR C 108 -3.50 17.18 -30.48
CA THR C 108 -4.40 18.08 -31.19
C THR C 108 -5.17 17.28 -32.23
N VAL C 109 -6.50 17.30 -32.12
CA VAL C 109 -7.37 16.60 -33.05
C VAL C 109 -7.81 17.62 -34.10
N LEU C 110 -7.14 17.61 -35.25
CA LEU C 110 -7.50 18.51 -36.34
C LEU C 110 -8.87 18.14 -36.89
N GLY C 111 -9.70 19.15 -37.12
CA GLY C 111 -11.04 18.95 -37.61
C GLY C 111 -11.11 18.28 -38.97
#